data_7SE3
#
_entry.id   7SE3
#
_cell.length_a   106.919
_cell.length_b   106.919
_cell.length_c   93.060
_cell.angle_alpha   90.000
_cell.angle_beta   90.000
_cell.angle_gamma   120.000
#
_symmetry.space_group_name_H-M   'H 3'
#
loop_
_entity.id
_entity.type
_entity.pdbx_description
1 polymer "DNA (5'-D(*GP*AP*GP*CP*AP*GP*CP*CP*TP*GP*TP*(5IU)P*TP*GP*GP*AP*CP*AP*TP*CP*A)-3')"
2 polymer "DNA (5'-D(P*CP*CP*AP*UP*AP*CP*A)-3')"
3 polymer "DNA (5'-D(P*GP*GP*CP*TP*GP*CP*T)-3')"
4 polymer "DNA (5'-D(P*CP*TP*GP*AP*TP*GP*T)-3')"
5 non-polymer 'MERCURY (II) ION'
#
loop_
_entity_poly.entity_id
_entity_poly.type
_entity_poly.pdbx_seq_one_letter_code
_entity_poly.pdbx_strand_id
1 'polydeoxyribonucleotide'
;(DG)(DA)(DG)(DC)(DA)(DG)(DC)(DC)(DT)(DG)(DT)(5IU)(DT)(DG)(DG)(DA)(DC)(DA)(DT)
(DC)(DA)
;
A
2 'polydeoxyribonucleotide' (DC)(DC)(DA)(DU)(DA)(DC)(DA) B
3 'polydeoxyribonucleotide' (DG)(DG)(DC)(DT)(DG)(DC)(DT) C
4 'polydeoxyribonucleotide' (DC)(DT)(DG)(DA)(DT)(DG)(DT) D
#